data_1IZC
#
_entry.id   1IZC
#
_cell.length_a   106.678
_cell.length_b   106.678
_cell.length_c   120.755
_cell.angle_alpha   90.00
_cell.angle_beta   90.00
_cell.angle_gamma   120.00
#
_symmetry.space_group_name_H-M   'P 63 2 2'
#
loop_
_entity.id
_entity.type
_entity.pdbx_description
1 polymer 'macrophomate synthase intermolecular Diels-Alderase'
2 non-polymer 'MAGNESIUM ION'
3 non-polymer 'PYRUVIC ACID'
4 water water
#
_entity_poly.entity_id   1
_entity_poly.type   'polypeptide(L)'
_entity_poly.pdbx_seq_one_letter_code
;MAKSYSEQPELHAKAPYRSAMLTYPGNLRQALKDAMADPSKTLMGVAHGIPSTFVTKVLAATKPDFVWIDVEHGMFNRLE
LHDAIHAAQHHSEGRSLVIVRVPKHDEVSLSTALDAGAAGIVIPHVETVEEVREFVKEMYYGPIGRRSFSPWTFSPGIAD
ASLFPNDPYNVATSNNHVCIIPQIESVKGVENVDAIAAMPEIHGLMFGPGDYMIDAGLDLNGALSGVPHPTFVEAMTKFS
TAAQRNGVPIFGGALSVDMVPSLIEQGYRAIAVQFDVWGLSRLVHGSLAQARASAKQFAGQGKAATDGTTDETVDGAAEE
VANGVSKVKLDEAGDEDKA
;
_entity_poly.pdbx_strand_id   A
#
loop_
_chem_comp.id
_chem_comp.type
_chem_comp.name
_chem_comp.formula
MG non-polymer 'MAGNESIUM ION' 'Mg 2'
PYR non-polymer 'PYRUVIC ACID' 'C3 H4 O3'
#
# COMPACT_ATOMS: atom_id res chain seq x y z
N ALA A 2 0.37 -18.87 -35.60
CA ALA A 2 0.70 -17.49 -36.07
C ALA A 2 -0.10 -16.44 -35.31
N LYS A 3 -1.01 -16.90 -34.45
CA LYS A 3 -1.86 -15.99 -33.68
C LYS A 3 -2.11 -16.44 -32.24
N SER A 4 -1.28 -17.32 -31.71
CA SER A 4 -1.44 -17.77 -30.33
C SER A 4 -0.99 -16.62 -29.43
N TYR A 5 -1.27 -16.71 -28.14
CA TYR A 5 -0.86 -15.67 -27.20
C TYR A 5 0.65 -15.45 -27.25
N SER A 6 1.41 -16.54 -27.24
CA SER A 6 2.86 -16.44 -27.25
C SER A 6 3.38 -15.72 -28.49
N GLU A 7 2.61 -15.79 -29.58
CA GLU A 7 3.00 -15.14 -30.84
C GLU A 7 2.47 -13.72 -30.95
N GLN A 8 1.88 -13.20 -29.88
CA GLN A 8 1.35 -11.84 -29.88
C GLN A 8 1.91 -11.06 -28.69
N PRO A 9 3.21 -10.70 -28.76
CA PRO A 9 3.93 -9.97 -27.71
C PRO A 9 3.23 -8.71 -27.19
N GLU A 10 2.47 -8.05 -28.06
CA GLU A 10 1.77 -6.84 -27.67
C GLU A 10 0.75 -7.11 -26.58
N LEU A 11 0.31 -8.36 -26.47
CA LEU A 11 -0.68 -8.74 -25.45
C LEU A 11 -0.05 -9.19 -24.13
N HIS A 12 1.26 -9.38 -24.14
CA HIS A 12 1.93 -9.86 -22.94
C HIS A 12 1.94 -8.86 -21.80
N ALA A 13 1.85 -9.37 -20.57
CA ALA A 13 1.85 -8.51 -19.41
C ALA A 13 3.22 -7.90 -19.11
N LYS A 14 3.21 -6.65 -18.71
CA LYS A 14 4.46 -5.99 -18.35
C LYS A 14 4.43 -5.97 -16.82
N ALA A 15 5.18 -6.88 -16.23
CA ALA A 15 5.21 -7.00 -14.76
C ALA A 15 6.69 -7.01 -14.35
N PRO A 16 7.32 -5.83 -14.36
CA PRO A 16 8.73 -5.63 -14.03
C PRO A 16 9.19 -6.18 -12.68
N TYR A 17 8.30 -6.23 -11.71
CA TYR A 17 8.68 -6.67 -10.37
C TYR A 17 8.08 -7.97 -9.86
N ARG A 18 7.36 -8.72 -10.71
CA ARG A 18 6.75 -9.95 -10.21
C ARG A 18 7.76 -11.02 -9.83
N SER A 19 7.38 -11.89 -8.89
CA SER A 19 8.25 -12.99 -8.47
C SER A 19 8.07 -14.15 -9.45
N ALA A 20 8.80 -15.24 -9.22
CA ALA A 20 8.71 -16.40 -10.12
C ALA A 20 7.29 -16.96 -10.06
N MET A 21 6.66 -16.89 -8.90
CA MET A 21 5.28 -17.37 -8.74
C MET A 21 4.44 -16.24 -8.16
N LEU A 22 3.23 -16.08 -8.67
CA LEU A 22 2.39 -14.98 -8.24
C LEU A 22 1.76 -15.13 -6.86
N THR A 23 2.07 -16.24 -6.21
CA THR A 23 1.64 -16.51 -4.84
C THR A 23 2.66 -15.93 -3.88
N TYR A 24 3.73 -15.37 -4.45
CA TYR A 24 4.79 -14.75 -3.65
C TYR A 24 4.85 -13.25 -3.94
N PRO A 25 5.35 -12.45 -2.98
CA PRO A 25 5.41 -11.01 -3.21
C PRO A 25 6.30 -10.53 -4.33
N GLY A 26 5.81 -9.54 -5.07
CA GLY A 26 6.59 -8.94 -6.12
C GLY A 26 7.62 -8.06 -5.44
N ASN A 27 8.59 -7.55 -6.19
CA ASN A 27 9.65 -6.75 -5.57
C ASN A 27 9.32 -5.28 -5.35
N LEU A 28 8.55 -5.00 -4.30
CA LEU A 28 8.20 -3.62 -3.98
C LEU A 28 9.45 -2.85 -3.54
N ARG A 29 10.39 -3.56 -2.91
CA ARG A 29 11.64 -2.93 -2.47
C ARG A 29 12.31 -2.24 -3.66
N GLN A 30 12.44 -2.96 -4.77
CA GLN A 30 13.09 -2.41 -5.95
C GLN A 30 12.21 -1.38 -6.64
N ALA A 31 10.90 -1.61 -6.63
CA ALA A 31 10.00 -0.66 -7.27
C ALA A 31 10.14 0.71 -6.62
N LEU A 32 10.25 0.72 -5.29
CA LEU A 32 10.40 1.98 -4.58
C LEU A 32 11.75 2.62 -4.89
N LYS A 33 12.81 1.82 -4.94
CA LYS A 33 14.13 2.37 -5.26
C LYS A 33 14.11 2.96 -6.66
N ASP A 34 13.44 2.28 -7.59
CA ASP A 34 13.37 2.77 -8.96
C ASP A 34 12.58 4.08 -9.07
N ALA A 35 11.53 4.22 -8.25
CA ALA A 35 10.72 5.44 -8.25
C ALA A 35 11.52 6.59 -7.62
N MET A 36 12.38 6.28 -6.65
CA MET A 36 13.20 7.31 -6.05
C MET A 36 14.23 7.81 -7.09
N ALA A 37 14.78 6.88 -7.86
CA ALA A 37 15.76 7.23 -8.89
C ALA A 37 15.13 8.01 -10.03
N ASP A 38 13.88 7.68 -10.35
CA ASP A 38 13.16 8.34 -11.44
C ASP A 38 11.71 8.53 -10.98
N PRO A 39 11.39 9.70 -10.40
CA PRO A 39 10.04 10.00 -9.91
C PRO A 39 8.89 9.89 -10.91
N SER A 40 9.21 9.79 -12.21
CA SER A 40 8.13 9.64 -13.18
C SER A 40 7.59 8.22 -13.01
N LYS A 41 8.33 7.40 -12.26
CA LYS A 41 7.91 6.02 -12.00
C LYS A 41 7.21 5.86 -10.65
N THR A 42 6.85 6.99 -10.04
CA THR A 42 6.12 6.98 -8.78
C THR A 42 4.96 5.99 -8.94
N LEU A 43 4.80 5.10 -7.96
CA LEU A 43 3.74 4.09 -8.03
C LEU A 43 2.36 4.68 -7.84
N MET A 44 1.48 4.43 -8.81
CA MET A 44 0.11 4.93 -8.73
C MET A 44 -0.78 3.71 -8.45
N GLY A 45 -1.47 3.73 -7.31
CA GLY A 45 -2.30 2.60 -6.95
C GLY A 45 -3.70 2.95 -6.51
N VAL A 46 -4.39 1.96 -5.95
CA VAL A 46 -5.77 2.12 -5.52
C VAL A 46 -5.96 1.54 -4.12
N ALA A 47 -6.72 2.25 -3.29
CA ALA A 47 -6.99 1.82 -1.92
C ALA A 47 -8.23 0.91 -2.00
N HIS A 48 -8.17 -0.21 -1.31
CA HIS A 48 -9.21 -1.25 -1.35
C HIS A 48 -9.73 -1.56 0.06
N GLY A 49 -10.95 -1.11 0.33
CA GLY A 49 -11.58 -1.30 1.62
C GLY A 49 -12.87 -2.12 1.55
N ILE A 50 -13.33 -2.41 0.34
CA ILE A 50 -14.54 -3.23 0.16
C ILE A 50 -14.11 -4.68 0.28
N PRO A 51 -14.65 -5.42 1.29
CA PRO A 51 -14.29 -6.81 1.51
C PRO A 51 -14.93 -7.77 0.51
N SER A 52 -14.44 -7.72 -0.73
CA SER A 52 -14.97 -8.57 -1.78
C SER A 52 -13.84 -8.89 -2.75
N THR A 53 -13.54 -10.18 -2.92
CA THR A 53 -12.49 -10.54 -3.86
C THR A 53 -12.92 -10.22 -5.28
N PHE A 54 -14.23 -10.18 -5.54
CA PHE A 54 -14.71 -9.84 -6.89
C PHE A 54 -14.24 -8.40 -7.17
N VAL A 55 -14.38 -7.52 -6.17
CA VAL A 55 -13.92 -6.14 -6.35
C VAL A 55 -12.40 -6.12 -6.57
N THR A 56 -11.66 -6.94 -5.82
CA THR A 56 -10.21 -6.96 -6.02
C THR A 56 -9.90 -7.29 -7.47
N LYS A 57 -10.64 -8.25 -8.02
CA LYS A 57 -10.43 -8.64 -9.41
C LYS A 57 -10.70 -7.49 -10.39
N VAL A 58 -11.76 -6.72 -10.13
CA VAL A 58 -12.09 -5.59 -10.99
C VAL A 58 -10.98 -4.55 -10.89
N LEU A 59 -10.52 -4.29 -9.67
CA LEU A 59 -9.43 -3.33 -9.47
C LEU A 59 -8.14 -3.83 -10.14
N ALA A 60 -7.82 -5.11 -9.97
CA ALA A 60 -6.60 -5.66 -10.54
C ALA A 60 -6.60 -5.56 -12.07
N ALA A 61 -7.76 -5.71 -12.69
CA ALA A 61 -7.86 -5.64 -14.14
C ALA A 61 -7.53 -4.26 -14.72
N THR A 62 -7.57 -3.22 -13.88
CA THR A 62 -7.25 -1.86 -14.35
C THR A 62 -5.74 -1.65 -14.31
N LYS A 63 -5.02 -2.66 -13.83
CA LYS A 63 -3.57 -2.65 -13.76
C LYS A 63 -2.89 -1.54 -12.97
N PRO A 64 -3.29 -1.35 -11.70
CA PRO A 64 -2.67 -0.31 -10.87
C PRO A 64 -1.27 -0.79 -10.51
N ASP A 65 -0.38 0.12 -10.12
CA ASP A 65 0.97 -0.27 -9.73
C ASP A 65 0.90 -1.03 -8.40
N PHE A 66 -0.17 -0.80 -7.64
CA PHE A 66 -0.37 -1.53 -6.39
C PHE A 66 -1.82 -1.46 -5.95
N VAL A 67 -2.23 -2.42 -5.13
CA VAL A 67 -3.56 -2.42 -4.53
C VAL A 67 -3.21 -2.36 -3.05
N TRP A 68 -3.75 -1.35 -2.38
CA TRP A 68 -3.51 -1.10 -0.96
C TRP A 68 -4.73 -1.63 -0.22
N ILE A 69 -4.57 -2.77 0.46
CA ILE A 69 -5.69 -3.37 1.18
C ILE A 69 -5.65 -2.97 2.65
N ASP A 70 -6.76 -2.42 3.14
CA ASP A 70 -6.82 -1.98 4.52
C ASP A 70 -7.48 -3.02 5.43
N VAL A 71 -6.67 -3.68 6.25
CA VAL A 71 -7.19 -4.68 7.15
C VAL A 71 -7.39 -4.05 8.52
N GLU A 72 -6.82 -2.88 8.76
CA GLU A 72 -7.05 -2.26 10.06
C GLU A 72 -8.53 -1.93 10.18
N HIS A 73 -9.08 -1.36 9.11
CA HIS A 73 -10.49 -0.97 9.11
C HIS A 73 -11.37 -1.63 8.05
N GLY A 74 -10.76 -2.40 7.16
CA GLY A 74 -11.52 -3.11 6.13
C GLY A 74 -12.01 -4.42 6.74
N MET A 75 -13.27 -4.75 6.47
CA MET A 75 -13.88 -5.95 7.05
C MET A 75 -13.51 -7.27 6.37
N PHE A 76 -12.22 -7.49 6.11
CA PHE A 76 -11.80 -8.73 5.48
C PHE A 76 -11.63 -9.86 6.49
N ASN A 77 -12.26 -11.01 6.21
CA ASN A 77 -12.05 -12.20 7.05
C ASN A 77 -10.68 -12.72 6.64
N ARG A 78 -10.15 -13.66 7.41
CA ARG A 78 -8.83 -14.21 7.12
C ARG A 78 -8.68 -14.83 5.74
N LEU A 79 -9.56 -15.78 5.41
CA LEU A 79 -9.45 -16.44 4.13
C LEU A 79 -9.70 -15.47 2.99
N GLU A 80 -10.66 -14.56 3.18
CA GLU A 80 -10.98 -13.56 2.15
C GLU A 80 -9.81 -12.60 1.91
N LEU A 81 -9.05 -12.27 2.95
CA LEU A 81 -7.87 -11.41 2.83
C LEU A 81 -6.86 -12.15 1.96
N HIS A 82 -6.62 -13.40 2.30
CA HIS A 82 -5.71 -14.26 1.56
C HIS A 82 -6.13 -14.31 0.09
N ASP A 83 -7.41 -14.50 -0.17
CA ASP A 83 -7.89 -14.57 -1.54
C ASP A 83 -7.80 -13.24 -2.27
N ALA A 84 -7.98 -12.14 -1.56
CA ALA A 84 -7.92 -10.83 -2.19
C ALA A 84 -6.47 -10.54 -2.61
N ILE A 85 -5.52 -10.91 -1.75
CA ILE A 85 -4.12 -10.66 -2.08
C ILE A 85 -3.74 -11.50 -3.31
N HIS A 86 -4.14 -12.77 -3.32
CA HIS A 86 -3.87 -13.64 -4.47
C HIS A 86 -4.53 -13.04 -5.72
N ALA A 87 -5.79 -12.63 -5.60
CA ALA A 87 -6.48 -12.08 -6.77
C ALA A 87 -5.81 -10.83 -7.33
N ALA A 88 -5.36 -9.93 -6.45
CA ALA A 88 -4.69 -8.71 -6.91
C ALA A 88 -3.48 -9.03 -7.78
N GLN A 89 -2.65 -9.95 -7.31
CA GLN A 89 -1.47 -10.29 -8.07
C GLN A 89 -1.73 -11.16 -9.29
N HIS A 90 -2.66 -12.10 -9.19
CA HIS A 90 -2.94 -12.98 -10.33
C HIS A 90 -3.75 -12.32 -11.44
N HIS A 91 -4.79 -11.56 -11.08
CA HIS A 91 -5.60 -10.90 -12.09
C HIS A 91 -4.95 -9.68 -12.76
N SER A 92 -3.81 -9.24 -12.24
CA SER A 92 -3.04 -8.15 -12.86
C SER A 92 -1.81 -8.81 -13.49
N GLU A 93 -1.75 -10.13 -13.40
CA GLU A 93 -0.63 -10.96 -13.89
C GLU A 93 0.70 -10.44 -13.39
N GLY A 94 0.72 -10.07 -12.12
CA GLY A 94 1.94 -9.59 -11.49
C GLY A 94 2.25 -8.11 -11.56
N ARG A 95 1.46 -7.36 -12.32
CA ARG A 95 1.73 -5.93 -12.43
C ARG A 95 1.36 -5.14 -11.18
N SER A 96 0.38 -5.62 -10.41
CA SER A 96 -0.06 -4.92 -9.21
C SER A 96 0.51 -5.50 -7.92
N LEU A 97 1.43 -4.77 -7.30
CA LEU A 97 2.00 -5.23 -6.04
C LEU A 97 0.94 -5.03 -4.96
N VAL A 98 1.03 -5.77 -3.85
CA VAL A 98 0.04 -5.62 -2.81
C VAL A 98 0.64 -5.08 -1.52
N ILE A 99 0.03 -4.03 -1.00
CA ILE A 99 0.44 -3.40 0.25
C ILE A 99 -0.74 -3.57 1.19
N VAL A 100 -0.46 -3.97 2.43
CA VAL A 100 -1.55 -4.20 3.36
C VAL A 100 -1.33 -3.41 4.63
N ARG A 101 -2.34 -2.64 5.02
CA ARG A 101 -2.25 -1.94 6.30
C ARG A 101 -2.92 -2.88 7.28
N VAL A 102 -2.17 -3.32 8.27
CA VAL A 102 -2.66 -4.26 9.24
C VAL A 102 -3.03 -3.64 10.57
N PRO A 103 -3.82 -4.36 11.37
CA PRO A 103 -4.20 -3.83 12.69
C PRO A 103 -2.85 -3.80 13.43
N LYS A 104 -2.62 -2.79 14.27
CA LYS A 104 -1.33 -2.68 14.94
C LYS A 104 -0.82 -3.86 15.78
N HIS A 105 -1.72 -4.63 16.40
CA HIS A 105 -1.27 -5.75 17.24
C HIS A 105 -1.77 -7.12 16.82
N ASP A 106 -2.26 -7.26 15.60
CA ASP A 106 -2.81 -8.54 15.20
C ASP A 106 -1.83 -9.41 14.40
N GLU A 107 -1.21 -10.38 15.07
CA GLU A 107 -0.23 -11.25 14.44
C GLU A 107 -0.82 -12.10 13.31
N VAL A 108 -2.07 -12.51 13.44
CA VAL A 108 -2.69 -13.35 12.42
C VAL A 108 -2.94 -12.56 11.15
N SER A 109 -3.38 -11.32 11.28
CA SER A 109 -3.60 -10.51 10.06
C SER A 109 -2.26 -10.37 9.34
N LEU A 110 -1.20 -10.13 10.11
CA LEU A 110 0.13 -9.95 9.53
C LEU A 110 0.64 -11.20 8.85
N SER A 111 0.58 -12.35 9.52
CA SER A 111 1.08 -13.56 8.89
C SER A 111 0.23 -13.94 7.68
N THR A 112 -1.07 -13.67 7.75
CA THR A 112 -1.95 -13.98 6.62
C THR A 112 -1.57 -13.13 5.42
N ALA A 113 -1.35 -11.83 5.66
CA ALA A 113 -0.99 -10.93 4.58
C ALA A 113 0.33 -11.36 3.95
N LEU A 114 1.31 -11.68 4.78
CA LEU A 114 2.61 -12.08 4.23
C LEU A 114 2.55 -13.44 3.51
N ASP A 115 1.95 -14.42 4.16
CA ASP A 115 1.84 -15.76 3.57
C ASP A 115 1.11 -15.71 2.22
N ALA A 116 0.17 -14.79 2.06
CA ALA A 116 -0.57 -14.67 0.81
C ALA A 116 0.18 -13.91 -0.29
N GLY A 117 1.28 -13.25 0.05
CA GLY A 117 2.04 -12.56 -0.97
C GLY A 117 2.11 -11.04 -0.91
N ALA A 118 1.74 -10.44 0.22
CA ALA A 118 1.82 -8.99 0.32
C ALA A 118 3.28 -8.55 0.26
N ALA A 119 3.56 -7.50 -0.51
CA ALA A 119 4.94 -7.00 -0.65
C ALA A 119 5.25 -5.83 0.28
N GLY A 120 4.21 -5.26 0.87
CA GLY A 120 4.40 -4.14 1.78
C GLY A 120 3.41 -4.20 2.93
N ILE A 121 3.88 -3.82 4.11
CA ILE A 121 3.04 -3.79 5.30
C ILE A 121 3.10 -2.38 5.87
N VAL A 122 1.92 -1.77 6.06
CA VAL A 122 1.84 -0.44 6.66
C VAL A 122 1.40 -0.65 8.10
N ILE A 123 2.15 -0.07 9.03
CA ILE A 123 1.88 -0.22 10.46
C ILE A 123 1.22 1.05 10.98
N PRO A 124 -0.04 0.94 11.44
CA PRO A 124 -0.66 2.16 11.93
C PRO A 124 -0.23 2.62 13.32
N HIS A 125 -0.44 3.91 13.57
CA HIS A 125 -0.18 4.53 14.87
C HIS A 125 1.22 4.29 15.43
N VAL A 126 2.24 4.37 14.59
CA VAL A 126 3.60 4.15 15.08
C VAL A 126 4.09 5.35 15.88
N GLU A 127 4.63 5.08 17.07
CA GLU A 127 5.14 6.16 17.92
C GLU A 127 6.56 5.91 18.42
N THR A 128 7.02 4.66 18.32
CA THR A 128 8.36 4.32 18.80
C THR A 128 9.10 3.39 17.85
N VAL A 129 10.43 3.44 17.92
CA VAL A 129 11.24 2.57 17.09
C VAL A 129 11.01 1.12 17.53
N GLU A 130 10.74 0.92 18.82
CA GLU A 130 10.50 -0.44 19.33
C GLU A 130 9.27 -1.06 18.68
N GLU A 131 8.22 -0.28 18.46
CA GLU A 131 7.01 -0.84 17.83
C GLU A 131 7.33 -1.34 16.43
N VAL A 132 8.18 -0.59 15.73
CA VAL A 132 8.54 -0.99 14.38
C VAL A 132 9.40 -2.26 14.41
N ARG A 133 10.32 -2.35 15.37
CA ARG A 133 11.16 -3.54 15.44
C ARG A 133 10.38 -4.81 15.78
N GLU A 134 9.22 -4.66 16.42
CA GLU A 134 8.41 -5.84 16.72
C GLU A 134 7.88 -6.37 15.39
N PHE A 135 7.60 -5.46 14.44
CA PHE A 135 7.12 -5.90 13.14
C PHE A 135 8.27 -6.50 12.35
N VAL A 136 9.47 -5.94 12.49
CA VAL A 136 10.59 -6.51 11.76
C VAL A 136 10.75 -7.98 12.19
N LYS A 137 10.64 -8.24 13.49
CA LYS A 137 10.79 -9.61 13.98
C LYS A 137 9.78 -10.58 13.35
N GLU A 138 8.55 -10.14 13.19
CA GLU A 138 7.51 -11.00 12.64
C GLU A 138 7.44 -11.05 11.12
N MET A 139 8.01 -10.04 10.47
CA MET A 139 7.94 -9.94 9.01
C MET A 139 9.05 -10.59 8.21
N TYR A 140 10.20 -10.79 8.84
CA TYR A 140 11.32 -11.35 8.12
C TYR A 140 11.87 -12.58 8.78
N TYR A 141 12.36 -13.50 7.95
CA TYR A 141 12.97 -14.73 8.44
C TYR A 141 14.35 -14.44 9.00
N GLY A 142 14.84 -15.33 9.84
CA GLY A 142 16.18 -15.17 10.37
C GLY A 142 17.10 -15.16 9.17
N PRO A 143 18.27 -14.51 9.26
CA PRO A 143 18.80 -13.78 10.41
C PRO A 143 18.20 -12.39 10.69
N ILE A 144 17.32 -11.91 9.83
CA ILE A 144 16.75 -10.58 10.04
C ILE A 144 15.71 -10.55 11.16
N GLY A 145 14.81 -11.53 11.15
CA GLY A 145 13.79 -11.59 12.17
C GLY A 145 13.55 -13.01 12.63
N ARG A 146 12.32 -13.33 13.01
CA ARG A 146 12.00 -14.67 13.45
C ARG A 146 10.67 -15.12 12.89
N ARG A 147 10.33 -14.57 11.72
CA ARG A 147 9.08 -14.93 11.07
C ARG A 147 9.00 -16.44 10.92
N SER A 148 7.81 -16.98 11.17
CA SER A 148 7.58 -18.40 11.06
C SER A 148 7.33 -18.80 9.61
N PHE A 149 7.96 -19.88 9.20
CA PHE A 149 7.84 -20.38 7.85
C PHE A 149 6.59 -21.26 7.68
N SER A 150 5.72 -20.92 6.72
CA SER A 150 4.51 -21.71 6.48
C SER A 150 4.77 -22.82 5.48
N PRO A 151 4.27 -24.02 5.75
CA PRO A 151 4.48 -25.13 4.83
C PRO A 151 3.43 -25.16 3.72
N TRP A 152 2.27 -24.55 3.96
CA TRP A 152 1.15 -24.61 3.01
C TRP A 152 1.15 -23.62 1.84
N THR A 153 2.12 -22.72 1.79
CA THR A 153 2.17 -21.71 0.73
C THR A 153 2.77 -22.21 -0.58
N PHE A 154 3.48 -23.32 -0.50
CA PHE A 154 4.13 -23.87 -1.69
C PHE A 154 4.13 -25.39 -1.64
N SER A 155 4.74 -26.01 -2.64
CA SER A 155 4.81 -27.45 -2.71
C SER A 155 6.21 -27.81 -3.17
N PRO A 156 7.03 -28.39 -2.28
CA PRO A 156 8.40 -28.78 -2.60
C PRO A 156 8.54 -29.60 -3.88
N GLY A 157 9.40 -29.11 -4.79
CA GLY A 157 9.66 -29.79 -6.06
C GLY A 157 8.57 -29.71 -7.11
N ILE A 158 7.51 -28.99 -6.78
CA ILE A 158 6.34 -28.87 -7.65
C ILE A 158 5.97 -27.41 -7.92
N ALA A 159 5.83 -26.63 -6.85
CA ALA A 159 5.51 -25.21 -6.95
C ALA A 159 6.37 -24.52 -5.91
N ASP A 160 7.61 -24.20 -6.28
CA ASP A 160 8.55 -23.55 -5.37
C ASP A 160 9.56 -22.67 -6.10
N ALA A 161 9.20 -22.20 -7.28
CA ALA A 161 10.11 -21.36 -8.06
C ALA A 161 10.42 -20.04 -7.37
N SER A 162 11.63 -19.56 -7.57
CA SER A 162 12.08 -18.29 -6.98
C SER A 162 13.00 -17.60 -7.99
N LEU A 163 13.10 -16.29 -7.89
CA LEU A 163 13.98 -15.53 -8.78
C LEU A 163 15.42 -15.68 -8.29
N PHE A 164 15.56 -16.07 -7.03
CA PHE A 164 16.89 -16.21 -6.42
C PHE A 164 17.45 -17.62 -6.50
N PRO A 165 18.80 -17.73 -6.55
CA PRO A 165 19.50 -19.03 -6.64
C PRO A 165 19.31 -19.87 -5.39
N ASN A 166 19.20 -21.18 -5.57
CA ASN A 166 19.04 -22.12 -4.46
C ASN A 166 18.16 -21.56 -3.37
N ASP A 167 16.96 -21.13 -3.75
CA ASP A 167 16.02 -20.54 -2.81
C ASP A 167 14.68 -21.28 -2.91
N PRO A 168 14.69 -22.62 -2.70
CA PRO A 168 13.53 -23.51 -2.75
C PRO A 168 12.39 -23.16 -1.78
N TYR A 169 12.72 -22.38 -0.76
CA TYR A 169 11.71 -22.01 0.22
C TYR A 169 11.33 -20.55 0.13
N ASN A 170 11.89 -19.87 -0.86
CA ASN A 170 11.61 -18.47 -1.11
C ASN A 170 11.89 -17.55 0.07
N VAL A 171 12.86 -17.95 0.89
CA VAL A 171 13.24 -17.13 2.02
C VAL A 171 13.91 -15.86 1.50
N ALA A 172 14.69 -15.99 0.42
CA ALA A 172 15.36 -14.82 -0.15
C ALA A 172 14.33 -13.88 -0.76
N THR A 173 13.36 -14.47 -1.44
CA THR A 173 12.30 -13.69 -2.07
C THR A 173 11.64 -12.82 -1.01
N SER A 174 11.24 -13.45 0.08
CA SER A 174 10.58 -12.74 1.15
C SER A 174 11.43 -11.67 1.81
N ASN A 175 12.66 -12.02 2.15
CA ASN A 175 13.49 -11.03 2.82
C ASN A 175 14.02 -9.90 1.93
N ASN A 176 14.03 -10.12 0.62
CA ASN A 176 14.51 -9.10 -0.30
C ASN A 176 13.40 -8.26 -0.95
N HIS A 177 12.19 -8.79 -1.00
CA HIS A 177 11.09 -8.07 -1.66
C HIS A 177 10.16 -7.28 -0.75
N VAL A 178 9.96 -7.80 0.46
CA VAL A 178 9.01 -7.21 1.42
C VAL A 178 9.45 -5.93 2.10
N CYS A 179 8.52 -4.97 2.17
CA CYS A 179 8.77 -3.65 2.77
C CYS A 179 7.94 -3.32 3.99
N ILE A 180 8.51 -2.49 4.87
CA ILE A 180 7.86 -2.04 6.10
C ILE A 180 7.66 -0.53 5.99
N ILE A 181 6.43 -0.09 6.21
CA ILE A 181 6.06 1.31 6.13
C ILE A 181 5.33 1.78 7.40
N PRO A 182 6.02 2.49 8.29
CA PRO A 182 5.37 2.98 9.51
C PRO A 182 4.41 4.09 9.13
N GLN A 183 3.28 4.18 9.82
CA GLN A 183 2.33 5.26 9.57
C GLN A 183 2.34 6.15 10.81
N ILE A 184 2.59 7.43 10.60
CA ILE A 184 2.65 8.44 11.65
C ILE A 184 1.32 9.16 11.68
N GLU A 185 0.60 9.05 12.79
CA GLU A 185 -0.73 9.66 12.85
C GLU A 185 -1.17 10.07 14.23
N SER A 186 -0.22 10.53 15.03
CA SER A 186 -0.53 11.00 16.37
C SER A 186 0.47 12.07 16.74
N VAL A 187 0.14 12.86 17.77
CA VAL A 187 1.04 13.90 18.22
C VAL A 187 2.37 13.30 18.67
N LYS A 188 2.31 12.21 19.44
CA LYS A 188 3.53 11.57 19.90
C LYS A 188 4.33 11.01 18.72
N GLY A 189 3.63 10.54 17.69
CA GLY A 189 4.30 9.99 16.53
C GLY A 189 5.10 11.07 15.82
N VAL A 190 4.47 12.23 15.65
CA VAL A 190 5.12 13.36 14.99
C VAL A 190 6.30 13.83 15.84
N GLU A 191 6.12 13.85 17.16
CA GLU A 191 7.19 14.30 18.04
C GLU A 191 8.42 13.40 17.97
N ASN A 192 8.23 12.13 17.59
CA ASN A 192 9.34 11.20 17.53
C ASN A 192 9.64 10.76 16.08
N VAL A 193 9.16 11.53 15.10
CA VAL A 193 9.36 11.13 13.70
C VAL A 193 10.83 11.13 13.24
N ASP A 194 11.66 11.98 13.81
CA ASP A 194 13.05 11.98 13.39
C ASP A 194 13.68 10.62 13.64
N ALA A 195 13.39 10.03 14.80
CA ALA A 195 13.96 8.73 15.15
C ALA A 195 13.36 7.61 14.30
N ILE A 196 12.06 7.67 14.07
CA ILE A 196 11.41 6.63 13.28
C ILE A 196 11.91 6.65 11.83
N ALA A 197 12.03 7.86 11.28
CA ALA A 197 12.47 8.03 9.89
C ALA A 197 13.90 7.56 9.65
N ALA A 198 14.70 7.59 10.72
CA ALA A 198 16.11 7.19 10.64
C ALA A 198 16.36 5.70 10.77
N MET A 199 15.31 4.91 11.03
CA MET A 199 15.50 3.47 11.17
C MET A 199 15.96 2.85 9.87
N PRO A 200 17.07 2.10 9.90
CA PRO A 200 17.62 1.44 8.71
C PRO A 200 16.66 0.38 8.18
N GLU A 201 15.78 -0.10 9.05
CA GLU A 201 14.87 -1.17 8.66
C GLU A 201 13.68 -0.77 7.79
N ILE A 202 13.33 0.51 7.76
CA ILE A 202 12.15 0.91 7.00
C ILE A 202 12.35 1.27 5.55
N HIS A 203 11.28 1.16 4.76
CA HIS A 203 11.33 1.40 3.32
C HIS A 203 10.35 2.46 2.83
N GLY A 204 9.59 3.02 3.76
CA GLY A 204 8.63 4.04 3.38
C GLY A 204 8.03 4.65 4.64
N LEU A 205 7.35 5.79 4.48
CA LEU A 205 6.69 6.45 5.60
C LEU A 205 5.34 6.99 5.13
N MET A 206 4.33 6.86 5.96
CA MET A 206 2.99 7.33 5.61
C MET A 206 2.45 8.18 6.75
N PHE A 207 1.63 9.17 6.41
CA PHE A 207 1.03 10.04 7.43
C PHE A 207 -0.47 9.72 7.47
N GLY A 208 -1.07 9.88 8.64
CA GLY A 208 -2.49 9.66 8.78
C GLY A 208 -3.08 11.01 9.20
N PRO A 209 -3.45 11.88 8.25
CA PRO A 209 -4.00 13.20 8.57
C PRO A 209 -5.21 13.19 9.50
N GLY A 210 -6.17 12.32 9.21
CA GLY A 210 -7.38 12.24 10.02
C GLY A 210 -7.11 11.93 11.47
N ASP A 211 -6.47 10.80 11.73
CA ASP A 211 -6.17 10.44 13.11
C ASP A 211 -5.29 11.49 13.76
N TYR A 212 -4.34 12.05 12.99
CA TYR A 212 -3.48 13.07 13.58
C TYR A 212 -4.29 14.27 14.05
N MET A 213 -5.15 14.79 13.16
CA MET A 213 -5.95 15.94 13.50
C MET A 213 -6.82 15.69 14.73
N ILE A 214 -7.41 14.51 14.83
CA ILE A 214 -8.23 14.22 16.00
C ILE A 214 -7.38 14.23 17.25
N ASP A 215 -6.21 13.59 17.18
CA ASP A 215 -5.33 13.51 18.32
C ASP A 215 -4.77 14.86 18.71
N ALA A 216 -4.61 15.74 17.71
CA ALA A 216 -4.07 17.08 17.96
C ALA A 216 -5.15 18.09 18.35
N GLY A 217 -6.40 17.64 18.37
CA GLY A 217 -7.49 18.53 18.74
C GLY A 217 -7.77 19.57 17.69
N LEU A 218 -7.48 19.25 16.43
CA LEU A 218 -7.71 20.17 15.33
C LEU A 218 -9.02 19.83 14.64
N ASP A 219 -9.78 20.86 14.30
CA ASP A 219 -11.07 20.66 13.65
C ASP A 219 -10.91 20.03 12.28
N LEU A 220 -11.00 18.70 12.21
CA LEU A 220 -10.88 18.01 10.95
C LEU A 220 -11.94 18.59 10.02
N ASN A 221 -11.53 18.93 8.80
CA ASN A 221 -12.45 19.53 7.85
C ASN A 221 -13.00 20.82 8.46
N GLY A 222 -12.10 21.65 8.98
CA GLY A 222 -12.52 22.89 9.60
C GLY A 222 -11.75 24.11 9.13
N ALA A 223 -11.40 24.15 7.85
CA ALA A 223 -10.67 25.28 7.29
C ALA A 223 -11.68 26.36 6.91
N LEU A 224 -11.96 27.26 7.85
CA LEU A 224 -12.92 28.35 7.64
C LEU A 224 -12.75 28.98 6.27
N SER A 225 -11.61 29.61 6.05
CA SER A 225 -11.31 30.24 4.76
C SER A 225 -10.20 29.43 4.11
N GLY A 226 -10.34 28.11 4.14
CA GLY A 226 -9.33 27.23 3.58
C GLY A 226 -8.11 27.29 4.49
N VAL A 227 -6.94 27.05 3.92
CA VAL A 227 -5.70 27.11 4.69
C VAL A 227 -5.71 26.20 5.92
N PRO A 228 -5.03 25.04 5.82
CA PRO A 228 -4.95 24.06 6.93
C PRO A 228 -4.41 24.70 8.19
N HIS A 229 -4.68 24.08 9.33
CA HIS A 229 -4.20 24.61 10.61
C HIS A 229 -2.68 24.62 10.61
N PRO A 230 -2.07 25.67 11.18
CA PRO A 230 -0.61 25.79 11.25
C PRO A 230 0.05 24.61 11.95
N THR A 231 -0.61 24.07 12.98
CA THR A 231 -0.07 22.95 13.73
C THR A 231 0.05 21.74 12.81
N PHE A 232 -0.91 21.58 11.90
CA PHE A 232 -0.90 20.48 10.94
C PHE A 232 0.21 20.72 9.92
N VAL A 233 0.31 21.96 9.44
CA VAL A 233 1.35 22.30 8.47
C VAL A 233 2.73 21.97 9.04
N GLU A 234 2.97 22.38 10.28
CA GLU A 234 4.24 22.13 10.93
C GLU A 234 4.48 20.62 11.04
N ALA A 235 3.43 19.88 11.40
CA ALA A 235 3.53 18.43 11.54
C ALA A 235 3.92 17.79 10.22
N MET A 236 3.27 18.19 9.14
CA MET A 236 3.58 17.62 7.83
C MET A 236 4.98 18.02 7.38
N THR A 237 5.42 19.22 7.76
CA THR A 237 6.74 19.66 7.38
C THR A 237 7.79 18.84 8.10
N LYS A 238 7.58 18.60 9.38
CA LYS A 238 8.54 17.81 10.16
C LYS A 238 8.57 16.38 9.61
N PHE A 239 7.40 15.83 9.33
CA PHE A 239 7.28 14.49 8.79
C PHE A 239 7.99 14.35 7.43
N SER A 240 7.65 15.22 6.48
CA SER A 240 8.21 15.14 5.14
C SER A 240 9.71 15.38 5.11
N THR A 241 10.18 16.33 5.91
CA THR A 241 11.60 16.63 5.97
C THR A 241 12.37 15.44 6.55
N ALA A 242 11.79 14.79 7.56
CA ALA A 242 12.45 13.63 8.16
C ALA A 242 12.58 12.51 7.12
N ALA A 243 11.49 12.24 6.39
CA ALA A 243 11.53 11.22 5.35
C ALA A 243 12.58 11.56 4.29
N GLN A 244 12.54 12.79 3.78
CA GLN A 244 13.48 13.23 2.74
C GLN A 244 14.95 13.15 3.15
N ARG A 245 15.28 13.61 4.35
CA ARG A 245 16.67 13.60 4.79
C ARG A 245 17.25 12.20 4.94
N ASN A 246 16.38 11.23 5.24
CA ASN A 246 16.83 9.85 5.43
C ASN A 246 16.69 8.98 4.19
N GLY A 247 16.25 9.58 3.09
CA GLY A 247 16.09 8.84 1.85
C GLY A 247 14.95 7.84 1.91
N VAL A 248 13.87 8.21 2.58
CA VAL A 248 12.69 7.35 2.72
C VAL A 248 11.55 7.91 1.88
N PRO A 249 11.00 7.09 0.96
CA PRO A 249 9.91 7.62 0.15
C PRO A 249 8.63 7.71 0.95
N ILE A 250 7.79 8.69 0.62
CA ILE A 250 6.53 8.84 1.31
C ILE A 250 5.41 8.11 0.57
N PHE A 251 4.52 7.50 1.34
CA PHE A 251 3.36 6.76 0.85
C PHE A 251 2.16 7.60 1.25
N GLY A 252 1.20 7.80 0.35
CA GLY A 252 0.05 8.59 0.72
C GLY A 252 -1.09 8.50 -0.27
N GLY A 253 -2.11 9.32 -0.08
CA GLY A 253 -3.25 9.30 -0.98
C GLY A 253 -3.43 10.65 -1.64
N ALA A 254 -4.12 10.67 -2.77
CA ALA A 254 -4.36 11.94 -3.45
C ALA A 254 -5.86 12.20 -3.45
N LEU A 255 -6.28 13.20 -2.68
CA LEU A 255 -7.70 13.58 -2.58
C LEU A 255 -8.26 13.80 -3.98
N SER A 256 -7.46 14.39 -4.85
CA SER A 256 -7.85 14.62 -6.24
C SER A 256 -6.62 14.28 -7.05
N VAL A 257 -6.80 13.66 -8.21
CA VAL A 257 -5.67 13.26 -9.01
C VAL A 257 -4.76 14.42 -9.44
N ASP A 258 -5.29 15.64 -9.53
CA ASP A 258 -4.44 16.75 -9.93
C ASP A 258 -3.42 17.15 -8.86
N MET A 259 -3.46 16.50 -7.71
CA MET A 259 -2.52 16.79 -6.63
C MET A 259 -1.21 16.01 -6.81
N VAL A 260 -1.22 15.02 -7.68
CA VAL A 260 -0.06 14.16 -7.89
C VAL A 260 1.28 14.89 -8.10
N PRO A 261 1.35 15.86 -9.02
CA PRO A 261 2.65 16.54 -9.19
C PRO A 261 3.19 17.13 -7.90
N SER A 262 2.33 17.80 -7.15
CA SER A 262 2.75 18.41 -5.90
C SER A 262 3.20 17.35 -4.90
N LEU A 263 2.48 16.23 -4.86
CA LEU A 263 2.86 15.17 -3.93
C LEU A 263 4.22 14.61 -4.31
N ILE A 264 4.47 14.44 -5.60
CA ILE A 264 5.76 13.91 -6.03
C ILE A 264 6.87 14.89 -5.65
N GLU A 265 6.59 16.18 -5.79
CA GLU A 265 7.59 17.20 -5.44
C GLU A 265 7.89 17.16 -3.96
N GLN A 266 6.89 16.75 -3.18
CA GLN A 266 7.01 16.65 -1.73
C GLN A 266 7.69 15.37 -1.27
N GLY A 267 7.98 14.46 -2.21
CA GLY A 267 8.64 13.23 -1.85
C GLY A 267 7.79 11.97 -1.86
N TYR A 268 6.53 12.07 -2.29
CA TYR A 268 5.70 10.87 -2.33
C TYR A 268 6.13 10.00 -3.51
N ARG A 269 6.30 8.71 -3.30
CA ARG A 269 6.69 7.81 -4.38
C ARG A 269 5.71 6.64 -4.53
N ALA A 270 4.66 6.64 -3.70
CA ALA A 270 3.61 5.61 -3.78
C ALA A 270 2.37 6.37 -3.42
N ILE A 271 1.47 6.56 -4.40
CA ILE A 271 0.26 7.33 -4.17
C ILE A 271 -1.01 6.57 -4.54
N ALA A 272 -1.95 6.50 -3.61
CA ALA A 272 -3.22 5.85 -3.89
C ALA A 272 -4.04 6.97 -4.55
N VAL A 273 -4.36 6.81 -5.83
CA VAL A 273 -5.08 7.84 -6.55
C VAL A 273 -6.60 7.66 -6.63
N GLN A 274 -7.10 6.59 -6.03
CA GLN A 274 -8.54 6.34 -6.01
C GLN A 274 -8.77 5.41 -4.82
N PHE A 275 -9.98 5.44 -4.26
CA PHE A 275 -10.34 4.64 -3.10
C PHE A 275 -11.63 3.96 -3.50
N ASP A 276 -11.71 2.64 -3.39
CA ASP A 276 -12.90 1.98 -3.87
C ASP A 276 -14.21 2.41 -3.21
N VAL A 277 -14.25 2.50 -1.88
CA VAL A 277 -15.51 2.88 -1.24
C VAL A 277 -15.96 4.31 -1.55
N TRP A 278 -15.09 5.28 -1.28
CA TRP A 278 -15.47 6.66 -1.55
C TRP A 278 -15.62 6.94 -3.04
N GLY A 279 -14.76 6.30 -3.85
CA GLY A 279 -14.81 6.51 -5.28
C GLY A 279 -16.13 6.06 -5.89
N LEU A 280 -16.54 4.85 -5.56
CA LEU A 280 -17.81 4.32 -6.07
C LEU A 280 -18.97 5.16 -5.54
N SER A 281 -18.93 5.48 -4.26
CA SER A 281 -20.00 6.28 -3.65
C SER A 281 -20.18 7.62 -4.38
N ARG A 282 -19.07 8.35 -4.55
CA ARG A 282 -19.13 9.66 -5.21
C ARG A 282 -19.53 9.56 -6.67
N LEU A 283 -19.06 8.53 -7.36
CA LEU A 283 -19.41 8.34 -8.76
C LEU A 283 -20.91 8.17 -8.93
N VAL A 284 -21.49 7.27 -8.13
CA VAL A 284 -22.92 7.01 -8.22
C VAL A 284 -23.74 8.19 -7.73
N HIS A 285 -23.39 8.75 -6.57
CA HIS A 285 -24.13 9.88 -6.03
C HIS A 285 -24.12 11.06 -7.02
N GLY A 286 -22.95 11.31 -7.62
CA GLY A 286 -22.84 12.41 -8.57
C GLY A 286 -23.65 12.19 -9.82
N SER A 287 -23.68 10.95 -10.32
CA SER A 287 -24.43 10.64 -11.53
C SER A 287 -25.92 10.80 -11.25
N LEU A 288 -26.36 10.36 -10.07
CA LEU A 288 -27.78 10.49 -9.69
C LEU A 288 -28.18 11.96 -9.63
N ALA A 289 -27.34 12.78 -9.00
CA ALA A 289 -27.62 14.20 -8.86
C ALA A 289 -27.75 14.87 -10.23
N GLN A 290 -26.80 14.58 -11.12
CA GLN A 290 -26.81 15.17 -12.44
C GLN A 290 -28.04 14.73 -13.21
N ALA A 291 -28.37 13.44 -13.11
CA ALA A 291 -29.52 12.91 -13.83
C ALA A 291 -30.82 13.58 -13.37
N ARG A 292 -31.03 13.63 -12.06
CA ARG A 292 -32.25 14.25 -11.52
C ARG A 292 -32.33 15.72 -11.91
N ALA A 293 -31.19 16.40 -11.81
CA ALA A 293 -31.15 17.82 -12.17
C ALA A 293 -31.55 18.03 -13.63
N SER A 294 -31.09 17.15 -14.51
CA SER A 294 -31.39 17.28 -15.93
C SER A 294 -32.82 16.92 -16.26
N ALA A 295 -33.50 16.25 -15.33
CA ALA A 295 -34.89 15.85 -15.56
C ALA A 295 -35.87 16.92 -15.11
N LYS A 296 -35.41 17.88 -14.32
CA LYS A 296 -36.28 18.94 -13.83
C LYS A 296 -37.00 19.72 -14.92
N GLN A 297 -36.40 19.80 -16.11
CA GLN A 297 -36.98 20.54 -17.23
C GLN A 297 -38.29 19.93 -17.72
N PHE A 298 -38.57 18.70 -17.30
CA PHE A 298 -39.79 18.02 -17.73
C PHE A 298 -40.93 18.13 -16.72
N ALA A 299 -40.71 18.86 -15.63
CA ALA A 299 -41.72 19.03 -14.61
C ALA A 299 -42.97 19.67 -15.18
N GLY A 300 -44.11 19.35 -14.56
CA GLY A 300 -45.40 19.87 -15.01
C GLY A 300 -46.11 18.81 -15.82
MG MG B . -5.41 6.28 10.80
C PYR C . -5.64 8.46 8.89
O PYR C . -5.87 8.28 10.10
OXT PYR C . -5.79 9.54 8.28
CA PYR C . -5.15 7.20 8.21
O3 PYR C . -5.01 6.11 8.79
CB PYR C . -4.86 7.37 6.77
#